data_1IN8
#
_entry.id   1IN8
#
_cell.length_a   86.639
_cell.length_b   86.639
_cell.length_c   81.601
_cell.angle_alpha   90.00
_cell.angle_beta   90.00
_cell.angle_gamma   120.00
#
_symmetry.space_group_name_H-M   'P 65'
#
loop_
_entity.id
_entity.type
_entity.pdbx_description
1 polymer 'HOLLIDAY JUNCTION DNA HELICASE RUVB'
2 non-polymer "ADENOSINE-5'-DIPHOSPHATE"
3 water water
#
_entity_poly.entity_id   1
_entity_poly.type   'polypeptide(L)'
_entity_poly.pdbx_seq_one_letter_code
;MSEFLTPERTVYDSGVQFLRPKSLDEFIGQENVKKKLSLALEAAKMRGEVLDHVLLAGPPGLGKTTLAHIIASELQTNIH
VTSGPVLVKQGDMAAILTSLERGDVLFIDEIHRLNKAVEELLYSAIEDFQIDIMIGKGPSAKSIRIDIQPFTLVGATVRS
GLLSSPLRSRFGIILELDFYTVKELKEIIKRAASLMDVEIEDAAAEMIAKRSRGTPRIAIRLTKRVRDMLTVVKADRINT
DIVLKTMEVLNIDDEGLDEFDRKILKTIIEIYRGGPVGLNALAASLGVEADTLSEVYEPYLLQAGFLARTPRGRIVTEKA
YKHLKYEVPENRLF
;
_entity_poly.pdbx_strand_id   A
#
loop_
_chem_comp.id
_chem_comp.type
_chem_comp.name
_chem_comp.formula
ADP non-polymer ADENOSINE-5'-DIPHOSPHATE 'C10 H15 N5 O10 P2'
#
# COMPACT_ATOMS: atom_id res chain seq x y z
N GLN A 17 11.97 -8.69 -8.23
CA GLN A 17 12.01 -8.33 -6.78
C GLN A 17 13.35 -7.66 -6.46
N PHE A 18 14.13 -7.38 -7.50
CA PHE A 18 15.44 -6.74 -7.36
C PHE A 18 15.33 -5.32 -6.85
N LEU A 19 14.13 -4.76 -6.88
CA LEU A 19 13.88 -3.40 -6.41
C LEU A 19 13.24 -3.41 -5.03
N ARG A 20 12.91 -4.60 -4.53
N ARG A 20 12.92 -4.60 -4.54
CA ARG A 20 12.27 -4.73 -3.22
CA ARG A 20 12.30 -4.74 -3.23
C ARG A 20 13.31 -4.71 -2.10
C ARG A 20 13.33 -4.71 -2.10
N PRO A 21 13.17 -3.77 -1.15
CA PRO A 21 14.09 -3.65 -0.02
C PRO A 21 14.20 -4.99 0.71
N LYS A 22 15.44 -5.38 1.01
CA LYS A 22 15.70 -6.64 1.70
C LYS A 22 15.83 -6.48 3.21
N SER A 23 15.96 -5.23 3.67
CA SER A 23 16.09 -4.95 5.10
C SER A 23 15.57 -3.55 5.41
N LEU A 24 15.40 -3.24 6.69
CA LEU A 24 14.91 -1.93 7.08
C LEU A 24 15.87 -0.82 6.66
N ASP A 25 17.17 -1.15 6.61
CA ASP A 25 18.16 -0.15 6.22
C ASP A 25 17.95 0.27 4.77
N GLU A 26 17.37 -0.62 3.98
CA GLU A 26 17.11 -0.32 2.58
C GLU A 26 15.70 0.19 2.36
N PHE A 27 14.92 0.26 3.43
CA PHE A 27 13.54 0.72 3.35
C PHE A 27 13.47 2.23 3.61
N ILE A 28 13.28 2.99 2.54
CA ILE A 28 13.22 4.44 2.65
C ILE A 28 11.90 4.95 3.22
N GLY A 29 12.00 6.00 4.05
CA GLY A 29 10.79 6.58 4.65
C GLY A 29 10.17 5.76 5.76
N GLN A 30 8.93 6.09 6.12
CA GLN A 30 8.20 5.39 7.19
C GLN A 30 9.05 5.31 8.47
N GLU A 31 9.65 6.43 8.83
CA GLU A 31 10.50 6.50 10.02
C GLU A 31 9.84 5.99 11.31
N ASN A 32 8.64 6.45 11.59
CA ASN A 32 7.93 6.02 12.80
C ASN A 32 7.70 4.52 12.80
N VAL A 33 7.36 3.99 11.63
CA VAL A 33 7.12 2.56 11.49
C VAL A 33 8.42 1.79 11.69
N LYS A 34 9.48 2.22 11.04
CA LYS A 34 10.76 1.52 11.16
C LYS A 34 11.32 1.49 12.58
N LYS A 35 11.24 2.62 13.29
N LYS A 35 11.26 2.61 13.30
CA LYS A 35 11.75 2.68 14.66
CA LYS A 35 11.79 2.62 14.66
C LYS A 35 11.00 1.70 15.56
C LYS A 35 11.00 1.71 15.59
N LYS A 36 9.68 1.67 15.44
CA LYS A 36 8.84 0.80 16.26
C LYS A 36 9.12 -0.66 15.94
N LEU A 37 9.12 -0.98 14.66
CA LEU A 37 9.38 -2.36 14.25
C LEU A 37 10.79 -2.76 14.61
N SER A 38 11.75 -1.87 14.37
CA SER A 38 13.15 -2.16 14.68
C SER A 38 13.33 -2.49 16.16
N LEU A 39 12.71 -1.70 17.02
CA LEU A 39 12.80 -1.92 18.46
C LEU A 39 12.33 -3.33 18.82
N ALA A 40 11.14 -3.68 18.37
CA ALA A 40 10.58 -5.00 18.67
C ALA A 40 11.39 -6.14 18.03
N LEU A 41 11.81 -5.93 16.79
CA LEU A 41 12.61 -6.93 16.06
C LEU A 41 13.95 -7.25 16.71
N GLU A 42 14.74 -6.21 16.94
CA GLU A 42 16.06 -6.39 17.55
C GLU A 42 15.96 -7.05 18.91
N ALA A 43 15.02 -6.60 19.72
CA ALA A 43 14.80 -7.16 21.06
C ALA A 43 14.46 -8.64 20.99
N ALA A 44 13.59 -9.01 20.07
CA ALA A 44 13.18 -10.41 19.93
C ALA A 44 14.35 -11.29 19.49
N LYS A 45 15.13 -10.79 18.54
CA LYS A 45 16.28 -11.54 18.03
C LYS A 45 17.31 -11.74 19.16
N MET A 46 17.51 -10.69 19.95
CA MET A 46 18.46 -10.76 21.07
C MET A 46 18.03 -11.78 22.12
N ARG A 47 16.72 -11.90 22.34
CA ARG A 47 16.23 -12.84 23.33
C ARG A 47 15.91 -14.20 22.73
N GLY A 48 15.98 -14.31 21.41
CA GLY A 48 15.67 -15.57 20.75
C GLY A 48 14.22 -15.93 20.98
N GLU A 49 13.37 -14.91 21.07
CA GLU A 49 11.95 -15.09 21.29
C GLU A 49 11.16 -14.88 20.01
N VAL A 50 9.95 -15.44 19.97
CA VAL A 50 9.08 -15.27 18.82
C VAL A 50 8.52 -13.86 18.91
N LEU A 51 8.57 -13.13 17.79
CA LEU A 51 8.09 -11.74 17.75
C LEU A 51 6.58 -11.65 17.94
N ASP A 52 6.14 -10.60 18.62
CA ASP A 52 4.71 -10.39 18.83
C ASP A 52 4.06 -10.19 17.46
N HIS A 53 2.77 -10.54 17.36
CA HIS A 53 2.02 -10.42 16.11
C HIS A 53 2.03 -8.97 15.63
N VAL A 54 2.16 -8.78 14.32
CA VAL A 54 2.21 -7.44 13.75
C VAL A 54 1.13 -7.22 12.68
N LEU A 55 0.48 -6.06 12.74
CA LEU A 55 -0.55 -5.71 11.76
C LEU A 55 -0.02 -4.54 10.95
N LEU A 56 -0.01 -4.69 9.64
CA LEU A 56 0.46 -3.64 8.74
C LEU A 56 -0.78 -3.06 8.06
N ALA A 57 -1.00 -1.76 8.18
CA ALA A 57 -2.17 -1.15 7.58
C ALA A 57 -1.88 0.10 6.77
N GLY A 58 -2.49 0.17 5.59
CA GLY A 58 -2.30 1.32 4.74
C GLY A 58 -2.70 0.99 3.31
N PRO A 59 -2.95 2.01 2.48
CA PRO A 59 -3.32 1.75 1.09
C PRO A 59 -2.29 0.91 0.33
N PRO A 60 -2.69 0.34 -0.81
CA PRO A 60 -1.79 -0.48 -1.63
C PRO A 60 -0.53 0.22 -2.12
N GLY A 61 0.51 -0.58 -2.35
CA GLY A 61 1.79 -0.07 -2.85
C GLY A 61 2.69 0.67 -1.88
N LEU A 62 2.34 0.66 -0.59
CA LEU A 62 3.13 1.38 0.42
C LEU A 62 4.24 0.59 1.11
N GLY A 63 4.34 -0.70 0.81
CA GLY A 63 5.39 -1.49 1.42
C GLY A 63 4.99 -2.48 2.51
N LYS A 64 3.71 -2.77 2.65
CA LYS A 64 3.28 -3.72 3.67
C LYS A 64 3.89 -5.11 3.40
N THR A 65 3.69 -5.63 2.19
CA THR A 65 4.25 -6.92 1.81
C THR A 65 5.77 -6.91 1.97
N THR A 66 6.41 -5.82 1.57
CA THR A 66 7.86 -5.70 1.70
C THR A 66 8.27 -5.81 3.17
N LEU A 67 7.58 -5.11 4.06
CA LEU A 67 7.90 -5.18 5.49
C LEU A 67 7.70 -6.59 6.06
N ALA A 68 6.70 -7.31 5.56
CA ALA A 68 6.43 -8.67 6.05
C ALA A 68 7.61 -9.59 5.73
N HIS A 69 8.16 -9.45 4.53
CA HIS A 69 9.30 -10.25 4.13
C HIS A 69 10.55 -9.86 4.93
N ILE A 70 10.71 -8.56 5.18
CA ILE A 70 11.84 -8.06 5.94
C ILE A 70 11.80 -8.61 7.35
N ILE A 71 10.60 -8.67 7.93
CA ILE A 71 10.46 -9.21 9.29
C ILE A 71 10.99 -10.64 9.36
N ALA A 72 10.57 -11.50 8.43
CA ALA A 72 11.04 -12.89 8.43
C ALA A 72 12.56 -12.99 8.21
N SER A 73 13.08 -12.21 7.27
CA SER A 73 14.51 -12.23 6.97
C SER A 73 15.34 -11.79 8.18
N GLU A 74 14.87 -10.75 8.87
CA GLU A 74 15.57 -10.25 10.04
C GLU A 74 15.52 -11.27 11.17
N LEU A 75 14.40 -11.99 11.28
CA LEU A 75 14.27 -13.00 12.32
C LEU A 75 14.98 -14.28 11.89
N GLN A 76 15.32 -14.36 10.62
CA GLN A 76 15.98 -15.52 10.04
C GLN A 76 15.08 -16.74 10.12
N THR A 77 13.80 -16.52 9.85
CA THR A 77 12.83 -17.60 9.85
C THR A 77 12.16 -17.58 8.49
N ASN A 78 11.28 -18.55 8.25
CA ASN A 78 10.60 -18.65 6.98
C ASN A 78 9.28 -17.90 6.98
N ILE A 79 8.89 -17.41 5.83
CA ILE A 79 7.62 -16.69 5.71
C ILE A 79 6.65 -17.51 4.88
N HIS A 80 5.42 -17.59 5.36
CA HIS A 80 4.36 -18.32 4.69
C HIS A 80 3.36 -17.28 4.19
N VAL A 81 3.39 -17.04 2.89
CA VAL A 81 2.52 -16.06 2.25
C VAL A 81 1.18 -16.65 1.82
N THR A 82 0.10 -16.00 2.23
CA THR A 82 -1.24 -16.44 1.90
C THR A 82 -2.13 -15.21 1.74
N SER A 83 -3.35 -15.42 1.25
CA SER A 83 -4.29 -14.34 1.03
C SER A 83 -5.63 -14.65 1.71
N GLY A 84 -6.14 -13.70 2.47
CA GLY A 84 -7.40 -13.90 3.15
C GLY A 84 -8.48 -14.49 2.26
N PRO A 85 -8.78 -13.87 1.11
CA PRO A 85 -9.83 -14.40 0.22
C PRO A 85 -9.55 -15.79 -0.34
N VAL A 86 -8.33 -16.27 -0.17
CA VAL A 86 -7.95 -17.59 -0.67
C VAL A 86 -8.33 -18.69 0.31
N LEU A 87 -8.08 -18.45 1.60
CA LEU A 87 -8.41 -19.41 2.64
C LEU A 87 -9.93 -19.54 2.77
N VAL A 88 -10.51 -20.49 2.06
CA VAL A 88 -11.94 -20.71 2.08
C VAL A 88 -12.38 -21.62 3.22
N LYS A 89 -11.92 -22.86 3.19
CA LYS A 89 -12.28 -23.84 4.21
C LYS A 89 -11.21 -23.98 5.29
N GLN A 90 -11.66 -24.32 6.50
CA GLN A 90 -10.74 -24.49 7.63
C GLN A 90 -9.59 -25.43 7.30
N GLY A 91 -9.83 -26.34 6.36
CA GLY A 91 -8.79 -27.28 5.98
C GLY A 91 -7.55 -26.58 5.47
N ASP A 92 -7.74 -25.53 4.68
CA ASP A 92 -6.63 -24.76 4.12
C ASP A 92 -5.82 -24.10 5.24
N MET A 93 -6.53 -23.43 6.15
CA MET A 93 -5.90 -22.75 7.26
C MET A 93 -5.19 -23.73 8.18
N ALA A 94 -5.90 -24.76 8.62
CA ALA A 94 -5.34 -25.77 9.50
C ALA A 94 -4.04 -26.33 8.93
N ALA A 95 -4.02 -26.55 7.62
CA ALA A 95 -2.84 -27.10 6.94
C ALA A 95 -1.66 -26.13 7.02
N ILE A 96 -1.91 -24.87 6.74
CA ILE A 96 -0.87 -23.86 6.79
C ILE A 96 -0.33 -23.72 8.21
N LEU A 97 -1.22 -23.68 9.19
CA LEU A 97 -0.82 -23.55 10.59
C LEU A 97 0.11 -24.68 11.04
N THR A 98 -0.18 -25.90 10.62
CA THR A 98 0.63 -27.05 11.01
C THR A 98 1.96 -27.10 10.26
N SER A 99 2.09 -26.33 9.19
CA SER A 99 3.32 -26.31 8.42
C SER A 99 4.30 -25.28 8.97
N LEU A 100 3.84 -24.50 9.95
CA LEU A 100 4.66 -23.47 10.56
C LEU A 100 5.71 -24.03 11.51
N GLU A 101 6.92 -23.48 11.42
CA GLU A 101 7.99 -23.90 12.30
C GLU A 101 8.16 -22.80 13.33
N ARG A 102 8.77 -23.13 14.46
CA ARG A 102 8.96 -22.17 15.54
C ARG A 102 9.58 -20.87 15.03
N GLY A 103 8.92 -19.76 15.31
CA GLY A 103 9.43 -18.45 14.90
C GLY A 103 9.07 -18.03 13.49
N ASP A 104 8.37 -18.90 12.75
CA ASP A 104 7.99 -18.59 11.37
C ASP A 104 6.97 -17.45 11.31
N VAL A 105 6.97 -16.75 10.18
CA VAL A 105 6.03 -15.67 9.98
C VAL A 105 4.90 -16.14 9.08
N LEU A 106 3.67 -15.96 9.55
CA LEU A 106 2.50 -16.34 8.75
C LEU A 106 1.98 -15.01 8.21
N PHE A 107 2.25 -14.73 6.94
CA PHE A 107 1.81 -13.48 6.34
C PHE A 107 0.47 -13.62 5.62
N ILE A 108 -0.52 -12.89 6.10
CA ILE A 108 -1.84 -12.93 5.51
C ILE A 108 -2.19 -11.56 4.96
N ASP A 109 -2.21 -11.45 3.64
CA ASP A 109 -2.55 -10.18 3.01
C ASP A 109 -4.07 -10.13 2.95
N GLU A 110 -4.63 -8.92 2.96
CA GLU A 110 -6.08 -8.75 2.94
C GLU A 110 -6.68 -9.65 4.03
N ILE A 111 -6.01 -9.67 5.18
CA ILE A 111 -6.45 -10.50 6.30
C ILE A 111 -7.88 -10.23 6.78
N HIS A 112 -8.35 -9.00 6.60
CA HIS A 112 -9.70 -8.66 7.03
C HIS A 112 -10.73 -9.40 6.17
N ARG A 113 -10.29 -10.03 5.10
CA ARG A 113 -11.20 -10.76 4.21
C ARG A 113 -11.34 -12.23 4.57
N LEU A 114 -10.85 -12.61 5.74
CA LEU A 114 -10.95 -13.99 6.17
C LEU A 114 -12.38 -14.29 6.65
N ASN A 115 -12.98 -15.35 6.12
CA ASN A 115 -14.33 -15.72 6.52
C ASN A 115 -14.31 -16.16 7.98
N LYS A 116 -15.48 -16.16 8.62
CA LYS A 116 -15.60 -16.53 10.02
C LYS A 116 -15.01 -17.90 10.33
N ALA A 117 -15.17 -18.84 9.40
CA ALA A 117 -14.67 -20.19 9.58
C ALA A 117 -13.17 -20.20 9.82
N VAL A 118 -12.40 -19.83 8.80
CA VAL A 118 -10.95 -19.79 8.91
C VAL A 118 -10.45 -18.78 9.94
N GLU A 119 -11.22 -17.71 10.15
CA GLU A 119 -10.86 -16.68 11.11
C GLU A 119 -10.92 -17.20 12.54
N GLU A 120 -12.03 -17.86 12.87
CA GLU A 120 -12.20 -18.41 14.21
C GLU A 120 -11.10 -19.45 14.48
N LEU A 121 -10.71 -20.17 13.43
CA LEU A 121 -9.65 -21.17 13.55
C LEU A 121 -8.32 -20.49 13.83
N LEU A 122 -8.04 -19.45 13.06
CA LEU A 122 -6.80 -18.69 13.22
C LEU A 122 -6.72 -18.07 14.61
N TYR A 123 -7.83 -17.47 15.03
CA TYR A 123 -7.91 -16.83 16.34
C TYR A 123 -7.51 -17.82 17.43
N SER A 124 -7.95 -19.07 17.27
CA SER A 124 -7.66 -20.13 18.23
C SER A 124 -6.16 -20.38 18.36
N ALA A 125 -5.49 -20.50 17.23
CA ALA A 125 -4.06 -20.75 17.22
C ALA A 125 -3.27 -19.60 17.86
N ILE A 126 -3.92 -18.45 17.99
CA ILE A 126 -3.29 -17.27 18.57
C ILE A 126 -3.39 -17.24 20.10
N GLU A 127 -4.52 -17.66 20.64
CA GLU A 127 -4.72 -17.66 22.08
C GLU A 127 -3.74 -18.54 22.83
N ASP A 128 -3.61 -19.79 22.38
CA ASP A 128 -2.70 -20.72 23.05
C ASP A 128 -1.91 -21.61 22.10
N PHE A 129 -1.70 -21.15 20.88
CA PHE A 129 -0.95 -21.91 19.88
C PHE A 129 -1.45 -23.35 19.75
N GLN A 130 -2.77 -23.52 19.87
CA GLN A 130 -3.35 -24.85 19.74
C GLN A 130 -4.76 -24.75 19.16
N ILE A 131 -5.04 -25.61 18.19
CA ILE A 131 -6.36 -25.64 17.55
C ILE A 131 -7.11 -26.92 17.88
N ASP A 147 -1.70 -29.08 18.25
CA ASP A 147 -0.50 -28.32 18.67
C ASP A 147 0.17 -27.59 17.51
N ILE A 148 0.30 -26.28 17.65
CA ILE A 148 0.92 -25.44 16.62
C ILE A 148 2.22 -24.84 17.14
N GLN A 149 3.25 -24.83 16.29
CA GLN A 149 4.53 -24.25 16.69
C GLN A 149 4.38 -22.74 16.85
N PRO A 150 4.93 -22.17 17.94
CA PRO A 150 4.84 -20.73 18.18
C PRO A 150 5.31 -19.96 16.95
N PHE A 151 4.48 -19.05 16.47
CA PHE A 151 4.82 -18.28 15.28
C PHE A 151 4.38 -16.82 15.38
N THR A 152 4.77 -16.03 14.38
CA THR A 152 4.41 -14.64 14.34
C THR A 152 3.41 -14.39 13.22
N LEU A 153 2.22 -13.93 13.58
CA LEU A 153 1.19 -13.62 12.61
C LEU A 153 1.44 -12.20 12.12
N VAL A 154 1.57 -12.03 10.80
CA VAL A 154 1.77 -10.70 10.23
C VAL A 154 0.63 -10.48 9.25
N GLY A 155 -0.30 -9.62 9.61
CA GLY A 155 -1.40 -9.35 8.71
C GLY A 155 -1.22 -8.03 7.98
N ALA A 156 -1.87 -7.90 6.82
CA ALA A 156 -1.79 -6.66 6.06
C ALA A 156 -3.20 -6.36 5.58
N THR A 157 -3.58 -5.09 5.66
CA THR A 157 -4.90 -4.67 5.23
C THR A 157 -4.82 -3.21 4.83
N VAL A 158 -5.67 -2.79 3.90
CA VAL A 158 -5.68 -1.40 3.45
C VAL A 158 -6.10 -0.48 4.58
N ARG A 159 -6.87 -1.02 5.52
CA ARG A 159 -7.33 -0.25 6.66
C ARG A 159 -7.62 -1.19 7.84
N SER A 160 -6.89 -0.98 8.94
CA SER A 160 -7.04 -1.83 10.12
C SER A 160 -8.46 -1.89 10.67
N GLY A 161 -9.25 -0.85 10.41
CA GLY A 161 -10.62 -0.81 10.89
C GLY A 161 -11.51 -1.89 10.34
N LEU A 162 -11.09 -2.50 9.22
CA LEU A 162 -11.86 -3.55 8.58
C LEU A 162 -11.82 -4.87 9.36
N LEU A 163 -10.79 -5.03 10.20
CA LEU A 163 -10.68 -6.24 10.99
C LEU A 163 -11.72 -6.28 12.10
N SER A 164 -12.08 -7.49 12.52
CA SER A 164 -13.06 -7.67 13.60
C SER A 164 -12.44 -7.22 14.91
N SER A 165 -13.28 -7.00 15.92
CA SER A 165 -12.81 -6.56 17.23
C SER A 165 -11.89 -7.60 17.89
N PRO A 166 -12.30 -8.88 17.86
CA PRO A 166 -11.50 -9.94 18.47
C PRO A 166 -10.11 -10.07 17.86
N LEU A 167 -10.05 -10.32 16.56
CA LEU A 167 -8.76 -10.48 15.88
C LEU A 167 -7.86 -9.26 15.97
N ARG A 168 -8.44 -8.07 15.86
CA ARG A 168 -7.63 -6.85 15.92
C ARG A 168 -6.90 -6.68 17.25
N SER A 169 -7.58 -7.00 18.35
CA SER A 169 -6.96 -6.86 19.67
C SER A 169 -5.90 -7.92 19.92
N ARG A 170 -5.68 -8.81 18.95
CA ARG A 170 -4.67 -9.85 19.11
C ARG A 170 -3.31 -9.37 18.61
N PHE A 171 -3.26 -8.19 18.02
CA PHE A 171 -1.99 -7.67 17.53
C PHE A 171 -1.32 -6.78 18.55
N GLY A 172 -0.11 -7.17 18.97
CA GLY A 172 0.62 -6.38 19.95
C GLY A 172 1.25 -5.17 19.31
N ILE A 173 1.51 -5.27 18.01
CA ILE A 173 2.14 -4.17 17.27
C ILE A 173 1.34 -3.83 16.01
N ILE A 174 0.83 -2.60 15.95
CA ILE A 174 0.07 -2.17 14.80
C ILE A 174 0.81 -1.02 14.13
N LEU A 175 1.19 -1.23 12.86
CA LEU A 175 1.94 -0.25 12.10
C LEU A 175 1.09 0.38 10.99
N GLU A 176 0.73 1.64 11.18
CA GLU A 176 -0.08 2.35 10.19
C GLU A 176 0.83 3.09 9.23
N LEU A 177 0.81 2.71 7.95
CA LEU A 177 1.64 3.38 6.96
C LEU A 177 0.85 4.47 6.25
N ASP A 178 1.41 5.67 6.19
CA ASP A 178 0.72 6.77 5.51
C ASP A 178 1.44 7.01 4.20
N PHE A 179 0.90 7.90 3.37
CA PHE A 179 1.56 8.17 2.11
C PHE A 179 2.94 8.75 2.38
N TYR A 180 3.86 8.51 1.45
CA TYR A 180 5.22 9.01 1.57
C TYR A 180 5.31 10.44 1.08
N THR A 181 6.33 11.15 1.56
CA THR A 181 6.57 12.52 1.17
C THR A 181 7.22 12.53 -0.21
N VAL A 182 7.18 13.67 -0.89
CA VAL A 182 7.78 13.81 -2.20
C VAL A 182 9.27 13.56 -2.08
N LYS A 183 9.86 14.05 -0.99
CA LYS A 183 11.28 13.86 -0.77
C LYS A 183 11.66 12.37 -0.66
N GLU A 184 10.88 11.61 0.09
CA GLU A 184 11.14 10.18 0.27
C GLU A 184 10.96 9.45 -1.07
N LEU A 185 9.89 9.79 -1.78
CA LEU A 185 9.63 9.16 -3.07
C LEU A 185 10.77 9.47 -4.05
N LYS A 186 11.27 10.70 -4.03
CA LYS A 186 12.36 11.07 -4.93
C LYS A 186 13.54 10.15 -4.67
N GLU A 187 13.80 9.90 -3.38
CA GLU A 187 14.88 9.02 -2.98
C GLU A 187 14.67 7.61 -3.53
N ILE A 188 13.43 7.12 -3.44
CA ILE A 188 13.07 5.79 -3.94
C ILE A 188 13.27 5.74 -5.46
N ILE A 189 12.90 6.82 -6.14
CA ILE A 189 13.03 6.92 -7.58
C ILE A 189 14.51 6.89 -8.00
N LYS A 190 15.36 7.68 -7.34
CA LYS A 190 16.78 7.68 -7.66
C LYS A 190 17.39 6.30 -7.44
N ARG A 191 16.93 5.62 -6.41
CA ARG A 191 17.41 4.27 -6.09
C ARG A 191 17.00 3.28 -7.19
N ALA A 192 15.74 3.40 -7.65
CA ALA A 192 15.25 2.52 -8.71
C ALA A 192 15.99 2.79 -10.02
N ALA A 193 16.21 4.06 -10.33
CA ALA A 193 16.92 4.45 -11.55
C ALA A 193 18.32 3.82 -11.56
N SER A 194 19.01 3.97 -10.44
CA SER A 194 20.36 3.42 -10.30
C SER A 194 20.36 1.91 -10.52
N LEU A 195 19.37 1.23 -9.92
CA LEU A 195 19.28 -0.22 -10.05
C LEU A 195 18.92 -0.64 -11.47
N MET A 196 18.35 0.28 -12.24
CA MET A 196 17.99 -0.03 -13.62
C MET A 196 19.05 0.48 -14.59
N ASP A 197 20.22 0.81 -14.07
CA ASP A 197 21.33 1.29 -14.89
C ASP A 197 20.95 2.50 -15.75
N VAL A 198 20.34 3.51 -15.14
CA VAL A 198 19.98 4.73 -15.86
C VAL A 198 20.21 5.96 -15.00
N GLU A 199 20.79 7.00 -15.59
CA GLU A 199 21.05 8.24 -14.87
C GLU A 199 19.83 9.14 -14.87
N ILE A 200 19.63 9.88 -13.78
CA ILE A 200 18.48 10.77 -13.71
C ILE A 200 18.82 12.06 -12.96
N GLU A 201 18.33 13.18 -13.50
CA GLU A 201 18.59 14.46 -12.87
C GLU A 201 17.66 14.67 -11.69
N ASP A 202 18.14 15.40 -10.69
CA ASP A 202 17.35 15.66 -9.49
C ASP A 202 15.99 16.26 -9.79
N ALA A 203 15.95 17.27 -10.65
CA ALA A 203 14.69 17.93 -10.98
C ALA A 203 13.72 16.95 -11.62
N ALA A 204 14.26 16.00 -12.37
CA ALA A 204 13.44 15.00 -13.03
C ALA A 204 12.88 14.02 -12.00
N ALA A 205 13.71 13.60 -11.07
CA ALA A 205 13.26 12.69 -10.02
C ALA A 205 12.15 13.37 -9.22
N GLU A 206 12.32 14.65 -8.95
CA GLU A 206 11.33 15.44 -8.20
C GLU A 206 10.00 15.45 -8.93
N MET A 207 10.04 15.64 -10.24
CA MET A 207 8.83 15.67 -11.05
C MET A 207 8.06 14.35 -10.97
N ILE A 208 8.77 13.22 -11.07
CA ILE A 208 8.10 11.92 -10.99
C ILE A 208 7.51 11.74 -9.60
N ALA A 209 8.27 12.08 -8.56
CA ALA A 209 7.81 11.95 -7.18
C ALA A 209 6.52 12.76 -6.95
N LYS A 210 6.49 13.99 -7.45
CA LYS A 210 5.29 14.82 -7.28
C LYS A 210 4.06 14.22 -7.96
N ARG A 211 4.30 13.34 -8.92
CA ARG A 211 3.20 12.69 -9.64
C ARG A 211 2.99 11.24 -9.25
N SER A 212 3.62 10.79 -8.15
CA SER A 212 3.49 9.41 -7.73
C SER A 212 2.35 9.08 -6.76
N ARG A 213 1.51 10.07 -6.48
CA ARG A 213 0.39 9.83 -5.56
C ARG A 213 0.82 9.20 -4.24
N GLY A 214 1.91 9.72 -3.69
CA GLY A 214 2.47 9.28 -2.41
C GLY A 214 2.79 7.82 -2.22
N THR A 215 2.88 7.09 -3.34
CA THR A 215 3.07 5.64 -3.32
C THR A 215 4.33 5.10 -4.02
N PRO A 216 5.15 4.32 -3.30
CA PRO A 216 6.38 3.76 -3.88
C PRO A 216 6.13 2.95 -5.15
N ARG A 217 5.10 2.11 -5.13
CA ARG A 217 4.77 1.28 -6.29
C ARG A 217 4.57 2.13 -7.54
N ILE A 218 3.78 3.18 -7.40
CA ILE A 218 3.51 4.09 -8.51
C ILE A 218 4.78 4.77 -8.96
N ALA A 219 5.55 5.28 -8.01
CA ALA A 219 6.81 5.97 -8.34
C ALA A 219 7.79 5.08 -9.11
N ILE A 220 7.88 3.81 -8.75
CA ILE A 220 8.78 2.89 -9.43
C ILE A 220 8.29 2.54 -10.84
N ARG A 221 6.98 2.38 -10.99
CA ARG A 221 6.43 2.07 -12.31
C ARG A 221 6.58 3.28 -13.22
N LEU A 222 6.38 4.47 -12.68
CA LEU A 222 6.53 5.67 -13.49
C LEU A 222 8.00 5.76 -13.93
N THR A 223 8.91 5.43 -13.03
CA THR A 223 10.34 5.47 -13.35
C THR A 223 10.67 4.49 -14.45
N LYS A 224 10.03 3.33 -14.45
CA LYS A 224 10.26 2.34 -15.50
C LYS A 224 9.79 2.90 -16.83
N ARG A 225 8.61 3.49 -16.85
CA ARG A 225 8.07 4.06 -18.08
C ARG A 225 8.92 5.22 -18.59
N VAL A 226 9.41 6.06 -17.66
CA VAL A 226 10.25 7.18 -18.05
C VAL A 226 11.55 6.63 -18.65
N ARG A 227 11.98 5.47 -18.15
CA ARG A 227 13.19 4.81 -18.65
C ARG A 227 12.98 4.37 -20.10
N ASP A 228 11.78 3.88 -20.39
CA ASP A 228 11.44 3.47 -21.75
C ASP A 228 11.53 4.67 -22.69
N MET A 229 11.10 5.84 -22.21
CA MET A 229 11.14 7.05 -23.04
C MET A 229 12.58 7.45 -23.29
N LEU A 230 13.43 7.33 -22.27
CA LEU A 230 14.84 7.67 -22.41
C LEU A 230 15.43 6.77 -23.50
N THR A 231 15.06 5.49 -23.46
CA THR A 231 15.54 4.53 -24.43
C THR A 231 15.17 4.86 -25.86
N VAL A 232 13.89 5.17 -26.10
CA VAL A 232 13.43 5.48 -27.44
C VAL A 232 13.93 6.80 -27.99
N VAL A 233 14.21 7.78 -27.14
CA VAL A 233 14.70 9.06 -27.61
C VAL A 233 16.23 9.11 -27.55
N LYS A 234 16.83 8.02 -27.10
CA LYS A 234 18.28 7.90 -26.99
C LYS A 234 18.90 9.08 -26.23
N ALA A 235 18.61 9.18 -24.94
CA ALA A 235 19.16 10.25 -24.12
C ALA A 235 20.20 9.69 -23.15
N ASP A 236 21.10 10.55 -22.68
CA ASP A 236 22.15 10.14 -21.76
C ASP A 236 21.65 10.02 -20.33
N ARG A 237 20.56 10.71 -20.04
CA ARG A 237 20.00 10.67 -18.70
C ARG A 237 18.59 11.25 -18.70
N ILE A 238 17.81 10.89 -17.69
CA ILE A 238 16.46 11.36 -17.58
C ILE A 238 16.42 12.82 -17.12
N ASN A 239 15.78 13.68 -17.91
CA ASN A 239 15.64 15.09 -17.56
C ASN A 239 14.16 15.41 -17.47
N THR A 240 13.84 16.66 -17.16
CA THR A 240 12.44 17.09 -17.05
C THR A 240 11.67 16.92 -18.35
N ASP A 241 12.35 17.14 -19.48
CA ASP A 241 11.73 17.01 -20.80
C ASP A 241 11.25 15.59 -21.01
N ILE A 242 12.11 14.63 -20.73
CA ILE A 242 11.80 13.22 -20.89
C ILE A 242 10.63 12.81 -20.00
N VAL A 243 10.61 13.31 -18.77
CA VAL A 243 9.53 13.00 -17.85
C VAL A 243 8.22 13.56 -18.36
N LEU A 244 8.22 14.82 -18.80
CA LEU A 244 6.99 15.43 -19.31
C LEU A 244 6.46 14.64 -20.51
N LYS A 245 7.35 14.20 -21.39
CA LYS A 245 6.92 13.44 -22.55
C LYS A 245 6.23 12.16 -22.11
N THR A 246 6.84 11.48 -21.15
CA THR A 246 6.29 10.23 -20.63
C THR A 246 4.93 10.44 -19.97
N MET A 247 4.82 11.46 -19.12
CA MET A 247 3.56 11.73 -18.45
C MET A 247 2.43 12.00 -19.47
N GLU A 248 2.77 12.63 -20.59
CA GLU A 248 1.76 12.90 -21.60
C GLU A 248 1.28 11.60 -22.23
N VAL A 249 2.21 10.69 -22.52
CA VAL A 249 1.86 9.40 -23.08
C VAL A 249 1.03 8.60 -22.09
N LEU A 250 1.38 8.67 -20.82
CA LEU A 250 0.69 7.95 -19.76
C LEU A 250 -0.60 8.60 -19.26
N ASN A 251 -0.86 9.83 -19.71
CA ASN A 251 -2.06 10.56 -19.27
C ASN A 251 -2.09 10.84 -17.78
N ILE A 252 -0.93 11.18 -17.21
CA ILE A 252 -0.83 11.51 -15.80
C ILE A 252 -0.64 13.02 -15.72
N ASP A 253 -1.52 13.73 -15.02
CA ASP A 253 -1.42 15.18 -14.93
C ASP A 253 -0.41 15.70 -13.92
N ASP A 254 -0.27 17.02 -13.83
CA ASP A 254 0.70 17.61 -12.91
C ASP A 254 0.48 17.27 -11.44
N GLU A 255 -0.69 16.73 -11.11
CA GLU A 255 -1.00 16.34 -9.74
C GLU A 255 -0.86 14.83 -9.55
N GLY A 256 -0.39 14.15 -10.59
CA GLY A 256 -0.21 12.71 -10.53
C GLY A 256 -1.49 11.91 -10.75
N LEU A 257 -2.60 12.60 -11.00
CA LEU A 257 -3.87 11.91 -11.22
C LEU A 257 -3.90 11.20 -12.55
N ASP A 258 -4.44 9.98 -12.58
CA ASP A 258 -4.55 9.24 -13.84
C ASP A 258 -5.97 9.34 -14.38
N GLU A 259 -6.22 8.62 -15.47
CA GLU A 259 -7.54 8.66 -16.09
C GLU A 259 -8.68 8.31 -15.16
N PHE A 260 -8.55 7.22 -14.41
CA PHE A 260 -9.62 6.83 -13.51
C PHE A 260 -9.78 7.83 -12.35
N ASP A 261 -8.68 8.38 -11.85
CA ASP A 261 -8.76 9.38 -10.76
C ASP A 261 -9.64 10.53 -11.24
N ARG A 262 -9.38 11.00 -12.45
CA ARG A 262 -10.14 12.11 -12.99
C ARG A 262 -11.58 11.67 -13.23
N LYS A 263 -11.76 10.41 -13.65
CA LYS A 263 -13.09 9.89 -13.92
C LYS A 263 -13.97 9.89 -12.66
N ILE A 264 -13.35 9.64 -11.51
CA ILE A 264 -14.08 9.64 -10.25
C ILE A 264 -14.55 11.06 -9.93
N LEU A 265 -13.63 12.01 -10.06
CA LEU A 265 -13.96 13.39 -9.76
C LEU A 265 -14.97 13.95 -10.76
N LYS A 266 -14.80 13.62 -12.04
CA LYS A 266 -15.72 14.14 -13.07
C LYS A 266 -17.13 13.57 -12.91
N THR A 267 -17.22 12.32 -12.49
CA THR A 267 -18.51 11.69 -12.29
C THR A 267 -19.27 12.37 -11.16
N ILE A 268 -18.56 12.68 -10.09
CA ILE A 268 -19.19 13.33 -8.96
C ILE A 268 -19.64 14.73 -9.38
N ILE A 269 -18.76 15.43 -10.09
CA ILE A 269 -19.02 16.79 -10.57
C ILE A 269 -20.18 16.88 -11.55
N GLU A 270 -20.13 16.05 -12.58
CA GLU A 270 -21.16 16.07 -13.62
C GLU A 270 -22.47 15.34 -13.31
N ILE A 271 -22.38 14.10 -12.87
CA ILE A 271 -23.59 13.34 -12.58
C ILE A 271 -24.23 13.69 -11.24
N TYR A 272 -23.42 13.97 -10.23
CA TYR A 272 -23.96 14.29 -8.90
C TYR A 272 -23.81 15.74 -8.48
N ARG A 273 -23.52 16.61 -9.43
CA ARG A 273 -23.37 18.04 -9.18
C ARG A 273 -22.42 18.39 -8.04
N GLY A 274 -21.36 17.60 -7.88
CA GLY A 274 -20.39 17.87 -6.83
C GLY A 274 -20.60 17.10 -5.55
N GLY A 275 -21.73 16.40 -5.46
CA GLY A 275 -22.02 15.64 -4.26
C GLY A 275 -22.92 16.44 -3.32
N PRO A 276 -23.23 15.92 -2.13
CA PRO A 276 -22.77 14.63 -1.62
C PRO A 276 -23.42 13.41 -2.30
N VAL A 277 -22.59 12.41 -2.60
CA VAL A 277 -23.07 11.18 -3.21
C VAL A 277 -22.56 9.97 -2.42
N GLY A 278 -23.46 9.04 -2.15
CA GLY A 278 -23.10 7.86 -1.39
C GLY A 278 -22.09 7.00 -2.12
N LEU A 279 -21.28 6.27 -1.36
CA LEU A 279 -20.27 5.39 -1.93
C LEU A 279 -20.88 4.37 -2.90
N ASN A 280 -21.99 3.74 -2.49
CA ASN A 280 -22.63 2.74 -3.33
C ASN A 280 -23.14 3.29 -4.64
N ALA A 281 -23.76 4.46 -4.60
CA ALA A 281 -24.29 5.08 -5.82
C ALA A 281 -23.14 5.42 -6.74
N LEU A 282 -22.08 6.00 -6.17
CA LEU A 282 -20.92 6.38 -6.95
C LEU A 282 -20.23 5.18 -7.59
N ALA A 283 -20.07 4.11 -6.82
CA ALA A 283 -19.42 2.90 -7.33
C ALA A 283 -20.22 2.29 -8.48
N ALA A 284 -21.54 2.26 -8.33
CA ALA A 284 -22.40 1.71 -9.39
C ALA A 284 -22.29 2.53 -10.68
N SER A 285 -22.24 3.85 -10.53
N SER A 285 -22.23 3.85 -10.53
CA SER A 285 -22.13 4.71 -11.70
CA SER A 285 -22.12 4.74 -11.67
C SER A 285 -20.79 4.51 -12.42
C SER A 285 -20.80 4.55 -12.41
N LEU A 286 -19.76 4.21 -11.65
CA LEU A 286 -18.42 3.99 -12.20
C LEU A 286 -18.20 2.57 -12.69
N GLY A 287 -19.08 1.65 -12.32
CA GLY A 287 -18.93 0.27 -12.74
C GLY A 287 -17.80 -0.45 -12.02
N VAL A 288 -17.53 -0.07 -10.77
CA VAL A 288 -16.48 -0.70 -9.99
C VAL A 288 -17.01 -1.02 -8.59
N GLU A 289 -16.35 -1.96 -7.92
CA GLU A 289 -16.75 -2.34 -6.56
C GLU A 289 -16.50 -1.17 -5.62
N ALA A 290 -17.39 -1.01 -4.64
CA ALA A 290 -17.28 0.08 -3.67
C ALA A 290 -16.00 -0.02 -2.85
N ASP A 291 -15.61 -1.25 -2.50
CA ASP A 291 -14.40 -1.47 -1.71
C ASP A 291 -13.17 -0.96 -2.42
N THR A 292 -13.08 -1.25 -3.72
CA THR A 292 -11.92 -0.82 -4.51
C THR A 292 -11.89 0.70 -4.59
N LEU A 293 -13.06 1.32 -4.70
CA LEU A 293 -13.15 2.76 -4.78
C LEU A 293 -12.69 3.44 -3.50
N SER A 294 -13.23 3.01 -2.36
CA SER A 294 -12.89 3.61 -1.07
C SER A 294 -11.56 3.18 -0.48
N GLU A 295 -11.10 1.97 -0.81
CA GLU A 295 -9.87 1.44 -0.26
C GLU A 295 -8.64 1.62 -1.17
N VAL A 296 -8.87 1.80 -2.48
CA VAL A 296 -7.74 1.95 -3.40
C VAL A 296 -7.54 3.34 -3.99
N TYR A 297 -8.59 3.95 -4.53
CA TYR A 297 -8.42 5.26 -5.14
C TYR A 297 -8.72 6.45 -4.23
N GLU A 298 -9.78 6.36 -3.45
CA GLU A 298 -10.17 7.46 -2.57
C GLU A 298 -9.12 7.96 -1.58
N PRO A 299 -8.35 7.05 -0.97
CA PRO A 299 -7.35 7.49 0.00
C PRO A 299 -6.50 8.69 -0.43
N TYR A 300 -5.81 8.57 -1.57
CA TYR A 300 -4.97 9.67 -2.04
C TYR A 300 -5.80 10.91 -2.40
N LEU A 301 -6.95 10.71 -3.01
CA LEU A 301 -7.79 11.86 -3.39
C LEU A 301 -8.21 12.66 -2.16
N LEU A 302 -8.49 11.95 -1.07
CA LEU A 302 -8.86 12.58 0.20
C LEU A 302 -7.63 13.28 0.77
N GLN A 303 -6.50 12.58 0.80
CA GLN A 303 -5.26 13.13 1.33
C GLN A 303 -4.83 14.40 0.58
N ALA A 304 -4.93 14.36 -0.75
CA ALA A 304 -4.53 15.48 -1.60
C ALA A 304 -5.56 16.61 -1.67
N GLY A 305 -6.67 16.46 -0.95
CA GLY A 305 -7.68 17.49 -0.92
C GLY A 305 -8.57 17.67 -2.14
N PHE A 306 -8.77 16.61 -2.93
CA PHE A 306 -9.66 16.71 -4.09
C PHE A 306 -11.04 16.21 -3.72
N LEU A 307 -11.09 15.36 -2.69
CA LEU A 307 -12.34 14.77 -2.24
C LEU A 307 -12.49 14.93 -0.73
N ALA A 308 -13.72 14.88 -0.24
CA ALA A 308 -13.99 14.95 1.19
C ALA A 308 -15.20 14.07 1.47
N ARG A 309 -15.23 13.48 2.66
CA ARG A 309 -16.33 12.62 3.05
C ARG A 309 -17.22 13.33 4.06
N THR A 310 -18.53 13.22 3.85
CA THR A 310 -19.52 13.82 4.75
C THR A 310 -20.53 12.72 5.09
N PRO A 311 -21.37 12.95 6.12
CA PRO A 311 -22.36 11.95 6.49
C PRO A 311 -23.34 11.63 5.35
N ARG A 312 -23.53 12.59 4.45
CA ARG A 312 -24.43 12.41 3.32
C ARG A 312 -23.72 11.80 2.11
N GLY A 313 -22.40 11.65 2.21
CA GLY A 313 -21.65 11.07 1.12
C GLY A 313 -20.41 11.85 0.71
N ARG A 314 -19.78 11.42 -0.37
CA ARG A 314 -18.58 12.08 -0.89
C ARG A 314 -18.90 13.35 -1.68
N ILE A 315 -18.01 14.33 -1.59
CA ILE A 315 -18.16 15.58 -2.32
C ILE A 315 -16.78 15.96 -2.88
N VAL A 316 -16.78 16.70 -3.99
CA VAL A 316 -15.52 17.16 -4.57
C VAL A 316 -15.27 18.54 -3.99
N THR A 317 -13.99 18.91 -3.89
CA THR A 317 -13.63 20.20 -3.33
C THR A 317 -13.41 21.24 -4.43
N GLU A 318 -13.20 22.48 -4.02
CA GLU A 318 -12.95 23.56 -4.97
C GLU A 318 -11.63 23.26 -5.68
N LYS A 319 -10.71 22.60 -4.99
CA LYS A 319 -9.42 22.26 -5.61
C LYS A 319 -9.67 21.33 -6.80
N ALA A 320 -10.65 20.44 -6.66
CA ALA A 320 -10.97 19.52 -7.75
C ALA A 320 -11.49 20.28 -8.97
N TYR A 321 -12.49 21.14 -8.76
CA TYR A 321 -13.05 21.92 -9.86
C TYR A 321 -11.98 22.71 -10.59
N LYS A 322 -11.17 23.45 -9.84
CA LYS A 322 -10.12 24.27 -10.43
C LYS A 322 -9.10 23.45 -11.21
N HIS A 323 -8.63 22.37 -10.59
CA HIS A 323 -7.65 21.50 -11.22
C HIS A 323 -8.15 20.92 -12.53
N LEU A 324 -9.40 20.49 -12.56
CA LEU A 324 -9.97 19.90 -13.76
C LEU A 324 -10.59 20.94 -14.69
N LYS A 325 -10.35 22.21 -14.35
CA LYS A 325 -10.84 23.35 -15.11
C LYS A 325 -12.36 23.41 -15.27
N TYR A 326 -13.08 23.09 -14.19
CA TYR A 326 -14.54 23.16 -14.21
C TYR A 326 -14.95 24.42 -13.50
N GLU A 327 -15.92 25.13 -14.08
CA GLU A 327 -16.38 26.35 -13.46
C GLU A 327 -16.91 26.06 -12.06
N VAL A 328 -16.42 26.83 -11.09
CA VAL A 328 -16.84 26.68 -9.71
C VAL A 328 -18.30 27.09 -9.58
N PRO A 329 -19.18 26.13 -9.26
CA PRO A 329 -20.60 26.41 -9.12
C PRO A 329 -20.93 27.31 -7.92
PB ADP B . 1.83 -3.21 -0.35
O1B ADP B . 1.63 -2.18 0.69
O2B ADP B . 1.88 -4.66 0.20
O3B ADP B . 0.75 -3.16 -1.44
PA ADP B . 4.52 -3.70 -1.52
O1A ADP B . 5.29 -4.08 -0.31
O2A ADP B . 4.15 -4.81 -2.39
O3A ADP B . 3.13 -2.89 -1.13
O5' ADP B . 5.30 -2.60 -2.34
C5' ADP B . 5.26 -2.02 -3.60
C4' ADP B . 6.40 -1.91 -4.37
O4' ADP B . 6.98 -0.76 -3.88
C3' ADP B . 7.52 -2.89 -4.04
O3' ADP B . 8.01 -2.99 -5.37
C2' ADP B . 8.58 -2.33 -3.31
O2' ADP B . 9.75 -3.14 -3.55
C1' ADP B . 8.15 -0.80 -3.27
N9 ADP B . 8.30 -0.20 -2.03
C8 ADP B . 7.41 -0.08 -1.01
N7 ADP B . 7.84 0.54 -0.01
C5 ADP B . 9.11 0.89 -0.35
C6 ADP B . 10.17 1.64 0.32
N6 ADP B . 9.98 2.13 1.57
N1 ADP B . 11.42 1.84 -0.32
C2 ADP B . 11.62 1.33 -1.60
N3 ADP B . 10.67 0.62 -2.31
C4 ADP B . 9.43 0.44 -1.64
#